data_2RC8
#
_entry.id   2RC8
#
_cell.length_a   49.790
_cell.length_b   97.701
_cell.length_c   60.050
_cell.angle_alpha   90.00
_cell.angle_beta   93.60
_cell.angle_gamma   90.00
#
_symmetry.space_group_name_H-M   'P 1 21 1'
#
loop_
_entity.id
_entity.type
_entity.pdbx_description
1 polymer 'Glutamate [NMDA] receptor subunit 3A'
2 non-polymer 'CHLORIDE ION'
3 non-polymer D-SERINE
4 non-polymer GLYCEROL
5 water water
#
_entity_poly.entity_id   1
_entity_poly.type   'polypeptide(L)'
_entity_poly.pdbx_seq_one_letter_code
;GSNKLHLRVVTLIEHPFVFTREVDDEGLCPAGQLCLDPMTNDSSMLDRLFSSLHSSNDTVPIKFKKCCYGYCIDLLEQLA
EDMNFDFDLYIVGDGKYGAWKNGHWTGLVGDLLSGTANMAVTSFSINTARSQVIDFTSPFFSTSLGILVRTRGTELSGIH
DPKLHHPSQGFRFGTVRESSAEDYVRQSFPEMHEYMRRYNVPATPDGVQYLKNDPEKLDAFIMDKALLDYEVSIDADCKL
LTVGKPFAIEGYGIGLPPNSPLTSNISELISQYKSHGFMDVLHDKWYKVVPCGK
;
_entity_poly.pdbx_strand_id   A,B
#
loop_
_chem_comp.id
_chem_comp.type
_chem_comp.name
_chem_comp.formula
CL non-polymer 'CHLORIDE ION' 'Cl -1'
GOL non-polymer GLYCEROL 'C3 H8 O3'
#
# COMPACT_ATOMS: atom_id res chain seq x y z
N LYS A 4 -30.49 12.56 -8.14
CA LYS A 4 -29.49 11.65 -8.79
C LYS A 4 -28.33 12.42 -9.41
N LEU A 5 -27.16 12.17 -8.86
CA LEU A 5 -25.96 12.79 -9.38
C LEU A 5 -25.59 12.24 -10.75
N HIS A 6 -24.91 13.04 -11.56
N HIS A 6 -24.95 13.07 -11.55
CA HIS A 6 -24.53 12.63 -12.91
CA HIS A 6 -24.44 12.61 -12.81
C HIS A 6 -23.03 12.86 -13.13
C HIS A 6 -22.93 12.78 -12.77
N LEU A 7 -22.26 11.78 -13.01
N LEU A 7 -22.22 11.77 -13.21
CA LEU A 7 -20.80 11.84 -13.11
CA LEU A 7 -20.77 11.84 -13.13
C LEU A 7 -20.30 11.55 -14.54
C LEU A 7 -20.10 11.37 -14.40
N ARG A 8 -19.19 12.19 -14.90
CA ARG A 8 -18.44 11.76 -16.07
C ARG A 8 -17.17 11.07 -15.59
N VAL A 9 -17.04 9.82 -16.00
CA VAL A 9 -15.96 8.96 -15.54
C VAL A 9 -14.95 8.73 -16.63
N VAL A 10 -13.67 8.91 -16.30
CA VAL A 10 -12.60 8.63 -17.27
C VAL A 10 -11.96 7.30 -16.93
N THR A 11 -11.62 6.52 -17.95
CA THR A 11 -10.96 5.22 -17.75
C THR A 11 -9.80 5.05 -18.71
N LEU A 12 -9.10 3.91 -18.56
CA LEU A 12 -7.93 3.61 -19.35
C LEU A 12 -7.97 2.10 -19.58
N ILE A 13 -7.77 1.65 -20.82
CA ILE A 13 -7.90 0.21 -21.12
C ILE A 13 -6.69 -0.52 -20.60
N GLU A 14 -6.91 -1.46 -19.69
CA GLU A 14 -5.80 -2.18 -19.04
C GLU A 14 -6.36 -3.50 -18.54
N HIS A 15 -5.98 -4.59 -19.17
CA HIS A 15 -6.56 -5.90 -18.83
C HIS A 15 -6.02 -6.43 -17.48
N PRO A 16 -6.87 -7.08 -16.66
CA PRO A 16 -8.26 -7.38 -16.87
C PRO A 16 -9.20 -6.40 -16.16
N PHE A 17 -8.70 -5.20 -15.87
CA PHE A 17 -9.48 -4.20 -15.17
C PHE A 17 -10.47 -3.49 -16.09
N VAL A 18 -10.03 -3.18 -17.30
CA VAL A 18 -10.93 -2.52 -18.29
C VAL A 18 -10.53 -3.03 -19.65
N PHE A 19 -11.51 -3.56 -20.39
CA PHE A 19 -11.34 -4.01 -21.78
C PHE A 19 -12.32 -3.20 -22.62
N THR A 20 -12.08 -3.13 -23.93
CA THR A 20 -13.08 -2.57 -24.86
C THR A 20 -13.31 -3.52 -26.02
N ARG A 21 -14.51 -3.41 -26.58
CA ARG A 21 -14.87 -4.10 -27.81
C ARG A 21 -15.81 -3.18 -28.59
N GLU A 22 -16.14 -3.56 -29.78
CA GLU A 22 -17.08 -2.75 -30.58
C GLU A 22 -18.49 -2.89 -30.00
N VAL A 23 -19.32 -1.89 -30.27
CA VAL A 23 -20.74 -1.94 -29.86
C VAL A 23 -21.49 -3.00 -30.71
N ASP A 24 -22.64 -3.50 -30.24
CA ASP A 24 -23.36 -4.54 -30.97
C ASP A 24 -24.25 -3.99 -32.08
N ASP A 25 -25.02 -4.87 -32.72
CA ASP A 25 -25.92 -4.50 -33.84
C ASP A 25 -26.88 -3.35 -33.58
N GLU A 26 -27.38 -3.25 -32.35
CA GLU A 26 -28.32 -2.20 -32.00
C GLU A 26 -27.65 -1.07 -31.25
N GLY A 27 -26.32 -1.02 -31.32
CA GLY A 27 -25.55 0.02 -30.65
C GLY A 27 -25.51 -0.12 -29.13
N LEU A 28 -25.82 -1.33 -28.64
CA LEU A 28 -25.89 -1.64 -27.19
C LEU A 28 -24.72 -2.54 -26.69
N CYS A 29 -24.62 -2.69 -25.36
CA CYS A 29 -23.51 -3.40 -24.68
C CYS A 29 -24.01 -4.35 -23.56
N PRO A 30 -24.66 -5.46 -23.96
CA PRO A 30 -25.29 -6.35 -23.01
C PRO A 30 -24.42 -6.81 -21.88
N ALA A 31 -23.13 -6.94 -22.11
CA ALA A 31 -22.23 -7.45 -21.10
C ALA A 31 -21.28 -6.40 -20.54
N GLY A 32 -21.54 -5.14 -20.84
CA GLY A 32 -20.67 -4.09 -20.33
C GLY A 32 -21.35 -2.74 -20.28
N GLN A 33 -20.59 -1.70 -20.60
CA GLN A 33 -21.08 -0.33 -20.56
C GLN A 33 -20.68 0.41 -21.81
N LEU A 34 -21.64 1.11 -22.40
CA LEU A 34 -21.34 1.97 -23.56
C LEU A 34 -20.40 3.04 -23.11
N CYS A 35 -19.37 3.27 -23.91
CA CYS A 35 -18.41 4.28 -23.56
C CYS A 35 -17.94 4.95 -24.84
N LEU A 36 -17.35 6.14 -24.70
CA LEU A 36 -16.76 6.82 -25.84
C LEU A 36 -15.23 6.77 -25.81
N ASP A 37 -14.63 6.77 -27.01
CA ASP A 37 -13.17 6.76 -27.17
C ASP A 37 -12.91 7.88 -28.17
N PRO A 38 -13.04 9.13 -27.70
CA PRO A 38 -13.07 10.29 -28.59
C PRO A 38 -11.74 11.03 -28.80
N MET A 39 -10.68 10.63 -28.13
CA MET A 39 -9.37 11.27 -28.31
C MET A 39 -9.44 12.77 -28.08
N THR A 40 -9.91 13.12 -26.89
CA THR A 40 -9.96 14.53 -26.53
C THR A 40 -9.76 14.73 -25.04
N ASN A 41 -9.14 15.84 -24.68
CA ASN A 41 -9.08 16.25 -23.26
C ASN A 41 -9.89 17.51 -23.04
N ASP A 42 -10.76 17.83 -24.00
CA ASP A 42 -11.58 19.04 -23.95
C ASP A 42 -12.97 18.76 -23.37
N SER A 43 -13.23 19.35 -22.21
CA SER A 43 -14.49 19.13 -21.54
C SER A 43 -15.69 19.55 -22.35
N SER A 44 -15.59 20.67 -23.05
CA SER A 44 -16.71 21.04 -23.88
C SER A 44 -17.00 20.04 -25.01
N MET A 45 -15.95 19.46 -25.60
N MET A 45 -15.96 19.46 -25.59
CA MET A 45 -16.12 18.49 -26.66
CA MET A 45 -16.19 18.50 -26.66
C MET A 45 -16.83 17.27 -26.09
C MET A 45 -16.88 17.28 -26.07
N LEU A 46 -16.43 16.83 -24.89
CA LEU A 46 -17.06 15.68 -24.26
C LEU A 46 -18.52 15.99 -23.91
N ASP A 47 -18.79 17.21 -23.42
CA ASP A 47 -20.18 17.61 -23.12
C ASP A 47 -21.02 17.44 -24.39
N ARG A 48 -20.49 17.96 -25.50
CA ARG A 48 -21.22 17.93 -26.76
C ARG A 48 -21.44 16.50 -27.24
N LEU A 49 -20.41 15.67 -27.20
CA LEU A 49 -20.55 14.28 -27.65
C LEU A 49 -21.53 13.45 -26.81
N PHE A 50 -21.43 13.56 -25.48
CA PHE A 50 -22.36 12.82 -24.62
C PHE A 50 -23.80 13.29 -24.80
N SER A 51 -23.96 14.59 -25.04
N SER A 51 -24.01 14.59 -24.97
CA SER A 51 -25.27 15.18 -25.34
CA SER A 51 -25.36 15.08 -25.23
C SER A 51 -25.85 14.58 -26.61
C SER A 51 -25.91 14.36 -26.45
N SER A 52 -24.99 14.36 -27.59
N SER A 52 -25.18 14.46 -27.57
CA SER A 52 -25.41 13.83 -28.88
CA SER A 52 -25.62 13.82 -28.80
C SER A 52 -25.67 12.34 -28.79
C SER A 52 -25.90 12.36 -28.54
N LEU A 53 -24.97 11.69 -27.87
CA LEU A 53 -25.13 10.26 -27.63
C LEU A 53 -26.45 9.97 -26.96
N HIS A 54 -26.85 10.84 -26.04
CA HIS A 54 -28.08 10.60 -25.27
C HIS A 54 -29.37 11.00 -25.98
N SER A 55 -29.25 11.87 -26.98
CA SER A 55 -30.42 12.39 -27.69
C SER A 55 -31.05 11.44 -28.70
N SER A 56 -32.11 11.92 -29.35
CA SER A 56 -32.84 11.16 -30.37
C SER A 56 -32.31 11.39 -31.80
N ASN A 57 -31.12 11.99 -31.90
CA ASN A 57 -30.41 12.17 -33.17
C ASN A 57 -28.92 11.99 -32.90
N ASP A 58 -28.56 10.79 -32.49
CA ASP A 58 -27.19 10.46 -32.16
C ASP A 58 -26.32 10.57 -33.41
N THR A 59 -25.48 11.60 -33.44
CA THR A 59 -24.58 11.84 -34.57
C THR A 59 -23.11 11.65 -34.17
N VAL A 60 -22.88 10.87 -33.12
CA VAL A 60 -21.53 10.59 -32.70
C VAL A 60 -20.83 9.69 -33.71
N PRO A 61 -19.66 10.13 -34.19
CA PRO A 61 -18.92 9.28 -35.10
C PRO A 61 -18.84 7.86 -34.55
N ILE A 62 -19.23 6.90 -35.37
CA ILE A 62 -19.27 5.50 -34.99
C ILE A 62 -17.94 4.98 -34.41
N LYS A 63 -16.83 5.50 -34.93
CA LYS A 63 -15.52 5.07 -34.51
C LYS A 63 -15.25 5.41 -33.04
N PHE A 64 -16.05 6.31 -32.47
CA PHE A 64 -15.84 6.67 -31.06
C PHE A 64 -16.63 5.79 -30.13
N LYS A 65 -17.60 5.04 -30.62
CA LYS A 65 -18.47 4.25 -29.74
C LYS A 65 -17.84 2.89 -29.42
N LYS A 66 -17.85 2.50 -28.15
CA LYS A 66 -17.26 1.23 -27.75
C LYS A 66 -18.04 0.66 -26.60
N CYS A 67 -17.81 -0.63 -26.33
N CYS A 67 -17.75 -0.61 -26.33
CA CYS A 67 -18.34 -1.22 -25.10
CA CYS A 67 -18.24 -1.26 -25.14
C CYS A 67 -17.17 -1.54 -24.20
C CYS A 67 -17.04 -1.31 -24.23
N CYS A 68 -17.26 -1.08 -22.95
CA CYS A 68 -16.23 -1.24 -21.94
C CYS A 68 -16.71 -2.33 -20.97
N TYR A 69 -15.80 -3.20 -20.53
CA TYR A 69 -16.18 -4.24 -19.57
C TYR A 69 -14.95 -4.63 -18.75
N GLY A 70 -15.15 -5.37 -17.66
CA GLY A 70 -14.01 -5.83 -16.87
C GLY A 70 -14.19 -5.58 -15.39
N TYR A 71 -13.16 -5.94 -14.62
CA TYR A 71 -13.21 -5.81 -13.16
C TYR A 71 -13.65 -4.42 -12.72
N CYS A 72 -13.05 -3.38 -13.29
CA CYS A 72 -13.36 -1.99 -12.86
C CYS A 72 -14.70 -1.52 -13.34
N ILE A 73 -15.16 -2.03 -14.45
CA ILE A 73 -16.52 -1.72 -14.91
C ILE A 73 -17.58 -2.35 -14.04
N ASP A 74 -17.36 -3.61 -13.63
CA ASP A 74 -18.30 -4.23 -12.67
C ASP A 74 -18.31 -3.44 -11.33
N LEU A 75 -17.14 -2.98 -10.88
CA LEU A 75 -17.07 -2.21 -9.63
C LEU A 75 -17.83 -0.89 -9.81
N LEU A 76 -17.59 -0.20 -10.93
CA LEU A 76 -18.28 1.07 -11.18
C LEU A 76 -19.80 0.88 -11.23
N GLU A 77 -20.30 -0.17 -11.90
CA GLU A 77 -21.74 -0.36 -11.96
C GLU A 77 -22.33 -0.60 -10.57
N GLN A 78 -21.60 -1.33 -9.71
CA GLN A 78 -22.13 -1.56 -8.36
C GLN A 78 -22.16 -0.26 -7.55
N LEU A 79 -21.07 0.52 -7.68
CA LEU A 79 -21.04 1.83 -7.00
C LEU A 79 -22.19 2.72 -7.46
N ALA A 80 -22.45 2.74 -8.76
CA ALA A 80 -23.51 3.61 -9.30
C ALA A 80 -24.86 3.20 -8.73
N GLU A 81 -25.07 1.89 -8.60
CA GLU A 81 -26.32 1.41 -8.02
C GLU A 81 -26.42 1.81 -6.55
N ASP A 82 -25.35 1.58 -5.78
CA ASP A 82 -25.43 1.86 -4.35
C ASP A 82 -25.42 3.33 -3.98
N MET A 83 -24.78 4.16 -4.80
CA MET A 83 -24.75 5.59 -4.52
C MET A 83 -25.81 6.34 -5.31
N ASN A 84 -26.54 5.62 -6.15
CA ASN A 84 -27.60 6.17 -6.96
C ASN A 84 -27.13 7.33 -7.82
N PHE A 85 -26.07 7.10 -8.58
CA PHE A 85 -25.67 8.06 -9.61
C PHE A 85 -25.71 7.44 -10.99
N ASP A 86 -25.84 8.26 -12.02
N ASP A 86 -25.81 8.31 -11.99
CA ASP A 86 -25.64 7.71 -13.36
CA ASP A 86 -25.69 7.93 -13.40
C ASP A 86 -24.38 8.34 -13.92
C ASP A 86 -24.28 8.29 -13.86
N PHE A 87 -23.86 7.76 -14.99
CA PHE A 87 -22.56 8.17 -15.46
C PHE A 87 -22.41 8.07 -16.95
N ASP A 88 -21.49 8.88 -17.46
CA ASP A 88 -20.98 8.79 -18.82
C ASP A 88 -19.56 8.29 -18.68
N LEU A 89 -19.11 7.43 -19.60
CA LEU A 89 -17.80 6.83 -19.46
C LEU A 89 -16.99 7.10 -20.71
N TYR A 90 -15.75 7.58 -20.57
CA TYR A 90 -14.89 7.78 -21.77
C TYR A 90 -13.47 7.35 -21.47
N ILE A 91 -12.74 6.99 -22.53
N ILE A 91 -12.74 7.09 -22.56
CA ILE A 91 -11.37 6.54 -22.40
CA ILE A 91 -11.37 6.62 -22.53
C ILE A 91 -10.44 7.76 -22.56
C ILE A 91 -10.39 7.79 -22.62
N VAL A 92 -9.48 7.88 -21.65
CA VAL A 92 -8.53 9.00 -21.59
C VAL A 92 -7.84 9.18 -22.95
N GLY A 93 -7.81 10.43 -23.43
CA GLY A 93 -7.35 10.65 -24.81
C GLY A 93 -5.90 10.33 -25.10
N ASP A 94 -5.02 10.63 -24.15
CA ASP A 94 -3.60 10.38 -24.36
C ASP A 94 -3.20 8.94 -24.00
N GLY A 95 -4.14 8.15 -23.47
CA GLY A 95 -3.88 6.74 -23.09
C GLY A 95 -2.95 6.57 -21.90
N LYS A 96 -2.71 7.64 -21.15
CA LYS A 96 -1.78 7.57 -20.02
C LYS A 96 -2.41 7.70 -18.65
N TYR A 97 -1.77 7.08 -17.66
CA TYR A 97 -2.24 7.22 -16.29
C TYR A 97 -2.01 8.60 -15.76
N GLY A 98 -0.80 9.12 -15.94
CA GLY A 98 -0.52 10.52 -15.66
C GLY A 98 0.79 10.74 -14.97
N ALA A 99 1.47 11.78 -15.44
CA ALA A 99 2.76 12.18 -14.89
C ALA A 99 2.86 13.70 -14.98
N TRP A 100 3.77 14.23 -14.19
CA TRP A 100 4.07 15.65 -14.22
C TRP A 100 5.09 15.87 -15.36
N LYS A 101 4.62 16.49 -16.44
CA LYS A 101 5.43 16.70 -17.61
C LYS A 101 5.17 18.09 -18.14
N ASN A 102 6.24 18.85 -18.38
CA ASN A 102 6.08 20.19 -18.95
C ASN A 102 5.09 21.08 -18.20
N GLY A 103 5.22 21.14 -16.87
CA GLY A 103 4.40 22.00 -16.02
C GLY A 103 2.93 21.66 -15.81
N HIS A 104 2.52 20.45 -16.21
CA HIS A 104 1.13 20.05 -15.96
C HIS A 104 1.06 18.54 -15.79
N TRP A 105 -0.06 18.06 -15.27
CA TRP A 105 -0.30 16.63 -15.16
C TRP A 105 -0.96 16.13 -16.41
N THR A 106 -0.46 14.99 -16.91
CA THR A 106 -1.06 14.39 -18.08
C THR A 106 -2.10 13.32 -17.66
N GLY A 107 -2.69 12.65 -18.65
CA GLY A 107 -3.50 11.47 -18.37
C GLY A 107 -4.70 11.65 -17.51
N LEU A 108 -4.99 10.60 -16.73
CA LEU A 108 -6.16 10.59 -15.83
C LEU A 108 -6.02 11.72 -14.82
N VAL A 109 -4.81 11.95 -14.29
CA VAL A 109 -4.62 12.97 -13.27
C VAL A 109 -4.98 14.32 -13.86
N GLY A 110 -4.50 14.61 -15.08
CA GLY A 110 -4.79 15.89 -15.74
C GLY A 110 -6.26 16.08 -15.98
N ASP A 111 -6.99 15.04 -16.36
CA ASP A 111 -8.41 15.21 -16.60
C ASP A 111 -9.19 15.48 -15.29
N LEU A 112 -8.75 14.89 -14.18
CA LEU A 112 -9.42 15.20 -12.92
C LEU A 112 -9.12 16.64 -12.51
N LEU A 113 -7.89 17.10 -12.69
CA LEU A 113 -7.54 18.48 -12.27
C LEU A 113 -8.13 19.55 -13.15
N SER A 114 -8.40 19.26 -14.43
CA SER A 114 -9.00 20.27 -15.31
C SER A 114 -10.51 20.27 -15.24
N GLY A 115 -11.08 19.31 -14.53
CA GLY A 115 -12.52 19.17 -14.47
C GLY A 115 -13.10 18.49 -15.69
N THR A 116 -12.26 17.88 -16.50
CA THR A 116 -12.74 17.19 -17.67
C THR A 116 -13.44 15.88 -17.30
N ALA A 117 -12.98 15.28 -16.23
CA ALA A 117 -13.62 14.12 -15.66
C ALA A 117 -13.97 14.39 -14.19
N ASN A 118 -15.06 13.79 -13.72
CA ASN A 118 -15.39 13.86 -12.30
C ASN A 118 -14.74 12.76 -11.46
N MET A 119 -14.39 11.63 -12.07
CA MET A 119 -13.88 10.48 -11.36
C MET A 119 -13.08 9.66 -12.36
N ALA A 120 -12.06 8.96 -11.88
CA ALA A 120 -11.25 8.06 -12.72
C ALA A 120 -11.31 6.65 -12.15
N VAL A 121 -11.65 5.69 -13.00
CA VAL A 121 -11.82 4.31 -12.59
C VAL A 121 -11.07 3.39 -13.56
N THR A 122 -10.00 2.79 -13.06
CA THR A 122 -9.16 1.86 -13.81
C THR A 122 -8.13 1.34 -12.79
N SER A 123 -7.12 0.67 -13.28
CA SER A 123 -6.04 0.16 -12.42
C SER A 123 -5.08 1.32 -12.09
N PHE A 124 -5.54 2.25 -11.26
CA PHE A 124 -4.87 3.54 -11.05
C PHE A 124 -4.13 3.54 -9.73
N SER A 125 -2.83 3.65 -9.80
CA SER A 125 -2.02 3.57 -8.58
C SER A 125 -2.02 4.82 -7.71
N ILE A 126 -2.21 4.59 -6.42
CA ILE A 126 -2.12 5.62 -5.41
C ILE A 126 -0.63 5.78 -5.11
N ASN A 127 -0.07 6.95 -5.39
CA ASN A 127 1.30 7.19 -5.04
C ASN A 127 1.39 8.54 -4.33
N THR A 128 2.58 8.86 -3.80
CA THR A 128 2.69 10.07 -3.03
C THR A 128 2.51 11.33 -3.88
N ALA A 129 3.14 11.34 -5.06
CA ALA A 129 3.05 12.55 -5.86
C ALA A 129 1.61 12.88 -6.27
N ARG A 130 0.88 11.86 -6.72
CA ARG A 130 -0.52 12.10 -7.13
C ARG A 130 -1.39 12.46 -5.92
N SER A 131 -1.08 11.88 -4.76
CA SER A 131 -1.88 12.16 -3.57
C SER A 131 -1.74 13.60 -3.12
N GLN A 132 -0.76 14.34 -3.63
CA GLN A 132 -0.67 15.74 -3.22
C GLN A 132 -1.64 16.59 -4.00
N VAL A 133 -2.14 16.07 -5.14
CA VAL A 133 -2.95 16.92 -6.03
C VAL A 133 -4.38 16.40 -6.30
N ILE A 134 -4.61 15.09 -6.19
CA ILE A 134 -5.98 14.56 -6.32
C ILE A 134 -6.32 13.70 -5.12
N ASP A 135 -7.60 13.43 -4.92
CA ASP A 135 -8.05 12.50 -3.90
C ASP A 135 -8.05 11.08 -4.46
N PHE A 136 -7.77 10.10 -3.58
CA PHE A 136 -7.97 8.70 -3.88
C PHE A 136 -8.85 8.14 -2.79
N THR A 137 -9.71 7.23 -3.25
CA THR A 137 -10.45 6.42 -2.30
C THR A 137 -9.56 5.40 -1.63
N SER A 138 -10.14 4.70 -0.65
N SER A 138 -10.06 4.75 -0.58
CA SER A 138 -9.51 3.51 -0.09
CA SER A 138 -9.32 3.63 -0.04
C SER A 138 -9.14 2.60 -1.29
C SER A 138 -9.13 2.62 -1.20
N PRO A 139 -8.07 1.81 -1.14
CA PRO A 139 -7.73 0.93 -2.26
C PRO A 139 -8.65 -0.25 -2.42
N PHE A 140 -8.86 -0.60 -3.67
CA PHE A 140 -9.64 -1.81 -3.97
C PHE A 140 -8.76 -2.96 -4.40
N PHE A 141 -7.46 -2.71 -4.55
CA PHE A 141 -6.52 -3.77 -5.02
C PHE A 141 -5.15 -3.31 -4.58
N SER A 142 -4.20 -4.22 -4.49
CA SER A 142 -2.81 -3.85 -4.15
C SER A 142 -1.85 -4.65 -5.00
N THR A 143 -0.76 -4.03 -5.44
CA THR A 143 0.23 -4.72 -6.28
C THR A 143 1.64 -4.20 -6.09
N SER A 144 2.63 -5.10 -6.13
CA SER A 144 4.01 -4.71 -6.29
C SER A 144 4.27 -4.26 -7.72
N LEU A 145 5.39 -3.61 -7.94
CA LEU A 145 5.88 -3.55 -9.32
C LEU A 145 6.48 -4.90 -9.64
N GLY A 146 6.55 -5.23 -10.92
CA GLY A 146 7.06 -6.53 -11.34
C GLY A 146 7.96 -6.39 -12.53
N ILE A 147 8.60 -7.50 -12.87
CA ILE A 147 9.58 -7.57 -13.98
C ILE A 147 9.27 -8.80 -14.79
N LEU A 148 8.83 -8.59 -16.03
CA LEU A 148 8.49 -9.64 -16.95
C LEU A 148 9.71 -9.96 -17.83
N VAL A 149 10.01 -11.25 -17.90
CA VAL A 149 11.11 -11.76 -18.75
C VAL A 149 10.66 -13.02 -19.45
N ARG A 150 11.44 -13.51 -20.43
CA ARG A 150 11.13 -14.80 -21.01
C ARG A 150 11.70 -15.93 -20.16
N THR A 151 11.04 -17.08 -20.25
CA THR A 151 11.61 -18.29 -19.64
C THR A 151 12.94 -18.58 -20.34
N ARG A 152 13.94 -18.98 -19.58
CA ARG A 152 15.27 -19.23 -20.12
C ARG A 152 15.92 -18.00 -20.75
N GLY A 153 15.42 -16.83 -20.35
CA GLY A 153 15.92 -15.55 -20.85
C GLY A 153 16.69 -14.80 -19.77
N THR A 154 16.38 -13.51 -19.62
CA THR A 154 17.05 -12.67 -18.63
C THR A 154 16.64 -13.10 -17.22
N GLU A 155 17.64 -13.24 -16.33
CA GLU A 155 17.39 -13.55 -14.92
C GLU A 155 17.73 -12.32 -14.09
N LEU A 156 16.84 -11.94 -13.15
CA LEU A 156 17.04 -10.73 -12.34
C LEU A 156 16.61 -10.98 -10.92
N SER A 157 17.36 -10.41 -10.00
CA SER A 157 17.03 -10.57 -8.58
C SER A 157 15.91 -9.65 -8.10
N GLY A 158 15.61 -8.62 -8.88
CA GLY A 158 14.74 -7.57 -8.46
C GLY A 158 15.28 -6.25 -9.00
N ILE A 159 14.76 -5.14 -8.47
CA ILE A 159 15.10 -3.81 -9.00
C ILE A 159 16.52 -3.37 -8.67
N HIS A 160 17.20 -4.08 -7.77
CA HIS A 160 18.57 -3.74 -7.44
C HIS A 160 19.57 -4.62 -8.21
N ASP A 161 19.09 -5.44 -9.15
CA ASP A 161 20.06 -6.28 -9.86
C ASP A 161 21.08 -5.43 -10.60
N PRO A 162 22.38 -5.71 -10.45
CA PRO A 162 23.38 -4.94 -11.18
C PRO A 162 23.16 -4.89 -12.69
N LYS A 163 22.52 -5.92 -13.26
CA LYS A 163 22.30 -5.91 -14.73
C LYS A 163 21.46 -4.73 -15.14
N LEU A 164 20.62 -4.23 -14.25
CA LEU A 164 19.79 -3.07 -14.54
C LEU A 164 20.54 -1.76 -14.30
N HIS A 165 21.47 -1.77 -13.37
CA HIS A 165 22.17 -0.54 -13.00
C HIS A 165 23.46 -0.31 -13.79
N HIS A 166 24.01 -1.39 -14.35
CA HIS A 166 25.22 -1.29 -15.20
C HIS A 166 24.96 -2.21 -16.37
N PRO A 167 24.05 -1.77 -17.27
CA PRO A 167 23.57 -2.63 -18.35
C PRO A 167 24.60 -2.98 -19.37
N SER A 168 24.58 -4.23 -19.82
N SER A 168 24.55 -4.23 -19.82
CA SER A 168 25.47 -4.62 -20.89
CA SER A 168 25.42 -4.65 -20.91
C SER A 168 24.96 -4.07 -22.21
C SER A 168 24.98 -3.98 -22.19
N GLN A 169 25.87 -3.92 -23.18
CA GLN A 169 25.50 -3.36 -24.47
C GLN A 169 24.37 -4.20 -25.06
N GLY A 170 23.29 -3.53 -25.47
CA GLY A 170 22.18 -4.25 -26.08
C GLY A 170 21.18 -4.82 -25.10
N PHE A 171 21.34 -4.51 -23.81
CA PHE A 171 20.37 -4.96 -22.80
C PHE A 171 19.18 -3.99 -22.79
N ARG A 172 18.01 -4.49 -23.20
CA ARG A 172 16.88 -3.60 -23.47
C ARG A 172 15.81 -3.83 -22.45
N PHE A 173 15.49 -2.80 -21.65
CA PHE A 173 14.40 -2.92 -20.68
C PHE A 173 13.73 -1.57 -20.54
N GLY A 174 12.43 -1.61 -20.28
CA GLY A 174 11.64 -0.37 -20.26
C GLY A 174 10.37 -0.59 -19.48
N THR A 175 9.63 0.50 -19.33
CA THR A 175 8.35 0.51 -18.62
C THR A 175 7.36 1.26 -19.51
N VAL A 176 6.18 1.51 -18.93
CA VAL A 176 5.12 2.27 -19.63
C VAL A 176 5.32 3.76 -19.34
N ARG A 177 5.33 4.54 -20.42
CA ARG A 177 5.48 5.97 -20.28
C ARG A 177 4.37 6.57 -19.45
N GLU A 178 4.75 7.50 -18.57
CA GLU A 178 3.78 8.31 -17.77
C GLU A 178 2.95 7.46 -16.87
N SER A 179 3.55 6.36 -16.44
CA SER A 179 2.93 5.50 -15.43
C SER A 179 3.57 5.71 -14.04
N SER A 180 2.89 5.18 -13.03
N SER A 180 2.93 5.15 -13.03
CA SER A 180 3.43 5.19 -11.68
CA SER A 180 3.48 5.23 -11.67
C SER A 180 4.76 4.44 -11.66
C SER A 180 4.73 4.35 -11.56
N ALA A 181 4.87 3.36 -12.45
CA ALA A 181 6.10 2.59 -12.51
C ALA A 181 7.24 3.47 -13.00
N GLU A 182 6.99 4.26 -14.03
N GLU A 182 7.00 4.24 -14.05
CA GLU A 182 8.05 5.14 -14.53
CA GLU A 182 8.04 5.16 -14.53
C GLU A 182 8.42 6.21 -13.50
C GLU A 182 8.43 6.12 -13.44
N ASP A 183 7.44 6.70 -12.75
CA ASP A 183 7.74 7.70 -11.71
C ASP A 183 8.57 7.12 -10.57
N TYR A 184 8.31 5.86 -10.21
CA TYR A 184 9.10 5.26 -9.13
C TYR A 184 10.57 5.18 -9.56
N VAL A 185 10.83 4.71 -10.80
CA VAL A 185 12.22 4.63 -11.31
C VAL A 185 12.84 6.03 -11.39
N ARG A 186 12.05 6.99 -11.85
CA ARG A 186 12.56 8.37 -12.03
C ARG A 186 13.06 8.90 -10.70
N GLN A 187 12.28 8.67 -9.64
N GLN A 187 12.27 8.69 -9.66
CA GLN A 187 12.60 9.23 -8.32
CA GLN A 187 12.62 9.21 -8.34
C GLN A 187 13.58 8.43 -7.48
C GLN A 187 13.79 8.45 -7.72
N SER A 188 13.69 7.13 -7.74
CA SER A 188 14.64 6.29 -7.01
C SER A 188 15.93 5.99 -7.72
N PHE A 189 15.89 5.91 -9.05
CA PHE A 189 17.07 5.49 -9.82
C PHE A 189 17.20 6.34 -11.06
N PRO A 190 17.55 7.62 -10.89
CA PRO A 190 17.53 8.54 -12.01
C PRO A 190 18.36 8.11 -13.21
N GLU A 191 19.51 7.50 -12.97
CA GLU A 191 20.35 7.04 -14.08
C GLU A 191 19.68 5.88 -14.84
N MET A 192 19.00 5.01 -14.08
N MET A 192 18.99 5.01 -14.11
CA MET A 192 18.26 3.91 -14.70
CA MET A 192 18.30 3.92 -14.77
C MET A 192 17.16 4.50 -15.56
C MET A 192 17.08 4.46 -15.54
N HIS A 193 16.44 5.49 -15.01
CA HIS A 193 15.35 6.14 -15.73
C HIS A 193 15.87 6.69 -17.07
N GLU A 194 17.01 7.35 -17.04
CA GLU A 194 17.56 7.88 -18.29
C GLU A 194 17.85 6.77 -19.30
N TYR A 195 18.44 5.66 -18.85
CA TYR A 195 18.76 4.55 -19.74
C TYR A 195 17.52 3.94 -20.38
N MET A 196 16.43 3.86 -19.60
CA MET A 196 15.19 3.25 -20.07
C MET A 196 14.44 4.12 -21.08
N ARG A 197 14.69 5.44 -21.13
CA ARG A 197 13.85 6.27 -21.98
C ARG A 197 13.66 5.75 -23.40
N ARG A 198 14.74 5.32 -24.06
CA ARG A 198 14.60 4.82 -25.44
C ARG A 198 13.84 3.50 -25.61
N TYR A 199 13.58 2.81 -24.49
CA TYR A 199 12.89 1.51 -24.50
C TYR A 199 11.48 1.55 -23.94
N ASN A 200 11.08 2.66 -23.33
CA ASN A 200 9.73 2.72 -22.78
C ASN A 200 8.68 2.69 -23.87
N VAL A 201 7.48 2.25 -23.48
CA VAL A 201 6.39 2.03 -24.44
C VAL A 201 5.16 2.81 -24.05
N PRO A 202 4.28 3.05 -25.01
CA PRO A 202 3.06 3.80 -24.67
C PRO A 202 2.06 3.10 -23.76
N ALA A 203 2.02 1.78 -23.77
CA ALA A 203 1.00 1.04 -23.06
C ALA A 203 1.44 -0.37 -22.75
N THR A 204 0.82 -0.96 -21.74
CA THR A 204 1.23 -2.29 -21.29
C THR A 204 1.29 -3.35 -22.43
N PRO A 205 0.26 -3.44 -23.28
CA PRO A 205 0.32 -4.49 -24.31
C PRO A 205 1.55 -4.37 -25.19
N ASP A 206 2.01 -3.16 -25.42
CA ASP A 206 3.20 -3.03 -26.26
C ASP A 206 4.42 -3.64 -25.60
N GLY A 207 4.59 -3.41 -24.29
CA GLY A 207 5.75 -3.99 -23.61
C GLY A 207 5.60 -5.50 -23.59
N VAL A 208 4.37 -5.97 -23.38
CA VAL A 208 4.22 -7.43 -23.34
C VAL A 208 4.55 -8.03 -24.69
N GLN A 209 4.05 -7.43 -25.77
CA GLN A 209 4.34 -7.93 -27.12
C GLN A 209 5.84 -7.87 -27.44
N TYR A 210 6.49 -6.78 -27.03
CA TYR A 210 7.91 -6.62 -27.32
C TYR A 210 8.76 -7.66 -26.64
N LEU A 211 8.30 -8.15 -25.50
CA LEU A 211 9.06 -9.13 -24.77
C LEU A 211 8.67 -10.54 -25.22
N LYS A 212 7.37 -10.79 -25.36
CA LYS A 212 6.80 -12.12 -25.65
C LYS A 212 6.97 -12.63 -27.09
N ASN A 213 6.71 -11.76 -28.03
CA ASN A 213 6.70 -12.17 -29.45
C ASN A 213 8.03 -12.00 -30.12
N ASP A 214 8.21 -12.69 -31.24
CA ASP A 214 9.39 -12.55 -32.05
C ASP A 214 9.01 -11.63 -33.19
N PRO A 215 9.92 -10.72 -33.58
CA PRO A 215 11.27 -10.48 -33.09
C PRO A 215 11.23 -9.84 -31.69
N GLU A 216 12.06 -10.34 -30.79
CA GLU A 216 12.08 -9.83 -29.42
C GLU A 216 12.70 -8.45 -29.37
N LYS A 217 11.96 -7.47 -28.86
CA LYS A 217 12.43 -6.08 -28.81
C LYS A 217 12.82 -5.60 -27.41
N LEU A 218 12.42 -6.35 -26.36
CA LEU A 218 12.80 -6.03 -24.96
C LEU A 218 13.30 -7.31 -24.33
N ASP A 219 14.29 -7.20 -23.44
CA ASP A 219 14.81 -8.33 -22.65
C ASP A 219 14.07 -8.42 -21.32
N ALA A 220 13.55 -7.28 -20.85
CA ALA A 220 12.73 -7.26 -19.64
C ALA A 220 11.78 -6.08 -19.70
N PHE A 221 10.65 -6.20 -19.01
CA PHE A 221 9.61 -5.15 -19.04
C PHE A 221 9.13 -4.96 -17.62
N ILE A 222 9.24 -3.75 -17.13
CA ILE A 222 8.87 -3.41 -15.75
C ILE A 222 7.50 -2.77 -15.73
N MET A 223 6.57 -3.30 -14.93
CA MET A 223 5.21 -2.73 -14.86
C MET A 223 4.51 -3.34 -13.67
N ASP A 224 3.36 -2.83 -13.30
CA ASP A 224 2.62 -3.37 -12.16
C ASP A 224 2.56 -4.91 -12.23
N LYS A 225 2.88 -5.57 -11.12
CA LYS A 225 2.88 -7.02 -11.14
C LYS A 225 1.52 -7.60 -11.40
N ALA A 226 0.45 -6.97 -10.92
CA ALA A 226 -0.89 -7.52 -11.13
C ALA A 226 -1.20 -7.62 -12.60
N LEU A 227 -0.67 -6.69 -13.40
CA LEU A 227 -0.95 -6.69 -14.82
C LEU A 227 -0.07 -7.74 -15.50
N LEU A 228 1.18 -7.83 -15.07
CA LEU A 228 2.09 -8.80 -15.67
C LEU A 228 1.66 -10.21 -15.32
N ASP A 229 1.16 -10.41 -14.10
CA ASP A 229 0.72 -11.76 -13.70
C ASP A 229 -0.47 -12.21 -14.53
N TYR A 230 -1.37 -11.28 -14.88
CA TYR A 230 -2.50 -11.66 -15.69
C TYR A 230 -1.99 -12.17 -17.05
N GLU A 231 -1.04 -11.43 -17.64
CA GLU A 231 -0.46 -11.87 -18.92
C GLU A 231 0.25 -13.22 -18.83
N VAL A 232 0.97 -13.44 -17.74
CA VAL A 232 1.61 -14.73 -17.55
C VAL A 232 0.56 -15.85 -17.48
N SER A 233 -0.57 -15.59 -16.83
CA SER A 233 -1.62 -16.61 -16.61
C SER A 233 -2.34 -16.99 -17.89
N ILE A 234 -2.32 -16.12 -18.90
CA ILE A 234 -2.93 -16.46 -20.17
C ILE A 234 -1.86 -16.84 -21.22
N ASP A 235 -0.61 -16.99 -20.81
CA ASP A 235 0.46 -17.36 -21.74
C ASP A 235 0.23 -18.83 -22.02
N ALA A 236 0.01 -19.16 -23.29
CA ALA A 236 -0.32 -20.54 -23.67
C ALA A 236 0.91 -21.43 -23.85
N ASP A 237 2.10 -20.83 -23.87
CA ASP A 237 3.30 -21.57 -24.21
C ASP A 237 4.47 -21.61 -23.18
N CYS A 238 4.22 -21.40 -21.87
CA CYS A 238 5.33 -21.33 -20.91
C CYS A 238 6.46 -20.46 -21.49
N LYS A 239 6.12 -19.25 -21.88
CA LYS A 239 7.09 -18.36 -22.51
C LYS A 239 7.52 -17.23 -21.60
N LEU A 240 6.71 -16.93 -20.59
CA LEU A 240 6.91 -15.71 -19.79
C LEU A 240 6.95 -16.02 -18.31
N LEU A 241 7.65 -15.19 -17.57
CA LEU A 241 7.54 -15.26 -16.14
C LEU A 241 7.84 -13.93 -15.50
N THR A 242 7.46 -13.76 -14.24
CA THR A 242 7.82 -12.57 -13.50
C THR A 242 8.93 -12.99 -12.56
N VAL A 243 9.89 -12.10 -12.33
CA VAL A 243 11.05 -12.45 -11.55
C VAL A 243 11.39 -11.40 -10.52
N GLY A 244 12.18 -11.82 -9.53
CA GLY A 244 12.70 -10.90 -8.54
C GLY A 244 11.86 -10.61 -7.32
N LYS A 245 12.48 -9.91 -6.37
CA LYS A 245 11.79 -9.57 -5.11
C LYS A 245 10.76 -8.44 -5.37
N PRO A 246 9.74 -8.30 -4.49
CA PRO A 246 8.75 -7.23 -4.64
C PRO A 246 9.42 -5.87 -4.43
N PHE A 247 8.85 -4.86 -5.05
CA PHE A 247 9.28 -3.49 -4.82
C PHE A 247 8.13 -2.56 -5.15
N ALA A 248 8.15 -1.37 -4.52
CA ALA A 248 7.23 -0.28 -4.83
C ALA A 248 5.76 -0.71 -4.81
N ILE A 249 5.32 -1.33 -3.72
CA ILE A 249 3.94 -1.78 -3.61
C ILE A 249 3.01 -0.58 -3.44
N GLU A 250 1.92 -0.59 -4.22
CA GLU A 250 0.95 0.51 -4.23
C GLU A 250 -0.41 -0.09 -4.31
N GLY A 251 -1.39 0.62 -3.76
CA GLY A 251 -2.79 0.28 -3.98
C GLY A 251 -3.35 0.87 -5.26
N TYR A 252 -4.42 0.26 -5.77
CA TYR A 252 -5.22 0.89 -6.81
C TYR A 252 -6.43 1.53 -6.15
N GLY A 253 -6.77 2.76 -6.54
CA GLY A 253 -7.94 3.45 -5.95
C GLY A 253 -8.65 4.22 -7.04
N ILE A 254 -9.85 4.67 -6.71
CA ILE A 254 -10.61 5.54 -7.60
C ILE A 254 -10.12 6.94 -7.35
N GLY A 255 -9.91 7.70 -8.44
CA GLY A 255 -9.38 9.07 -8.38
C GLY A 255 -10.49 10.08 -8.49
N LEU A 256 -10.41 11.13 -7.67
CA LEU A 256 -11.41 12.21 -7.66
C LEU A 256 -10.68 13.53 -7.49
N PRO A 257 -11.32 14.67 -7.75
CA PRO A 257 -10.66 15.94 -7.53
C PRO A 257 -10.33 16.08 -6.04
N PRO A 258 -9.35 16.93 -5.70
CA PRO A 258 -8.95 17.06 -4.31
C PRO A 258 -10.13 17.55 -3.45
N ASN A 259 -10.27 16.99 -2.24
CA ASN A 259 -11.31 17.40 -1.32
C ASN A 259 -12.72 17.15 -1.84
N SER A 260 -12.89 16.16 -2.69
CA SER A 260 -14.25 15.80 -3.17
C SER A 260 -15.09 15.25 -2.03
N PRO A 261 -16.34 15.71 -1.89
CA PRO A 261 -17.23 15.07 -0.93
C PRO A 261 -17.61 13.65 -1.26
N LEU A 262 -17.37 13.19 -2.49
CA LEU A 262 -17.72 11.82 -2.83
C LEU A 262 -16.70 10.79 -2.33
N THR A 263 -15.47 11.22 -2.05
CA THR A 263 -14.40 10.29 -1.73
C THR A 263 -14.75 9.40 -0.56
N SER A 264 -15.27 9.97 0.51
CA SER A 264 -15.52 9.15 1.70
C SER A 264 -16.66 8.18 1.47
N ASN A 265 -17.67 8.55 0.68
N ASN A 265 -17.64 8.59 0.67
CA ASN A 265 -18.78 7.60 0.43
CA ASN A 265 -18.76 7.69 0.39
C ASN A 265 -18.39 6.45 -0.46
C ASN A 265 -18.28 6.48 -0.37
N ILE A 266 -17.55 6.73 -1.45
CA ILE A 266 -17.04 5.63 -2.29
C ILE A 266 -16.12 4.76 -1.47
N SER A 267 -15.26 5.33 -0.63
CA SER A 267 -14.37 4.54 0.20
C SER A 267 -15.15 3.64 1.12
N GLU A 268 -16.25 4.14 1.69
N GLU A 268 -16.25 4.15 1.68
CA GLU A 268 -17.05 3.30 2.59
CA GLU A 268 -17.08 3.33 2.58
C GLU A 268 -17.61 2.11 1.84
C GLU A 268 -17.67 2.13 1.86
N LEU A 269 -18.09 2.34 0.62
CA LEU A 269 -18.63 1.22 -0.17
C LEU A 269 -17.51 0.26 -0.54
N ILE A 270 -16.35 0.75 -0.97
CA ILE A 270 -15.24 -0.17 -1.29
C ILE A 270 -14.91 -1.03 -0.05
N SER A 271 -14.97 -0.48 1.15
N SER A 271 -14.83 -0.38 1.09
CA SER A 271 -14.68 -1.27 2.34
CA SER A 271 -14.51 -1.07 2.32
C SER A 271 -15.79 -2.30 2.65
C SER A 271 -15.53 -2.16 2.51
N GLN A 272 -17.03 -1.94 2.36
N GLN A 272 -16.81 -1.79 2.38
CA GLN A 272 -18.10 -2.89 2.52
CA GLN A 272 -17.93 -2.72 2.49
C GLN A 272 -17.99 -3.99 1.47
C GLN A 272 -17.80 -3.92 1.54
N TYR A 273 -17.59 -3.63 0.26
CA TYR A 273 -17.46 -4.65 -0.78
C TYR A 273 -16.34 -5.59 -0.44
N LYS A 274 -15.23 -5.08 0.07
CA LYS A 274 -14.11 -5.97 0.45
C LYS A 274 -14.57 -6.90 1.55
N SER A 275 -15.15 -6.33 2.61
N SER A 275 -15.17 -6.33 2.60
CA SER A 275 -15.49 -7.12 3.79
CA SER A 275 -15.53 -7.11 3.78
C SER A 275 -16.66 -8.09 3.62
C SER A 275 -16.70 -8.05 3.65
N HIS A 276 -17.37 -8.00 2.49
CA HIS A 276 -18.51 -8.87 2.18
C HIS A 276 -18.26 -9.76 0.94
N GLY A 277 -16.99 -9.82 0.52
CA GLY A 277 -16.60 -10.76 -0.49
C GLY A 277 -16.74 -10.34 -1.92
N PHE A 278 -17.20 -9.12 -2.17
CA PHE A 278 -17.42 -8.73 -3.55
C PHE A 278 -16.11 -8.61 -4.32
N MET A 279 -15.06 -8.12 -3.67
N MET A 279 -15.10 -8.13 -3.65
CA MET A 279 -13.77 -8.06 -4.38
CA MET A 279 -13.85 -7.97 -4.33
C MET A 279 -13.28 -9.43 -4.73
C MET A 279 -13.26 -9.36 -4.67
N ASP A 280 -13.56 -10.39 -3.85
CA ASP A 280 -13.16 -11.76 -4.14
C ASP A 280 -13.91 -12.32 -5.34
N VAL A 281 -15.20 -11.99 -5.43
CA VAL A 281 -16.00 -12.39 -6.61
C VAL A 281 -15.40 -11.78 -7.87
N LEU A 282 -15.05 -10.50 -7.81
CA LEU A 282 -14.47 -9.87 -9.02
C LEU A 282 -13.13 -10.46 -9.37
N HIS A 283 -12.31 -10.77 -8.35
CA HIS A 283 -11.02 -11.38 -8.65
C HIS A 283 -11.24 -12.73 -9.32
N ASP A 284 -12.18 -13.51 -8.79
N ASP A 284 -12.16 -13.53 -8.79
CA ASP A 284 -12.49 -14.84 -9.35
CA ASP A 284 -12.42 -14.83 -9.40
C ASP A 284 -13.05 -14.78 -10.75
C ASP A 284 -12.92 -14.70 -10.82
N LYS A 285 -13.77 -13.71 -11.05
CA LYS A 285 -14.39 -13.55 -12.35
C LYS A 285 -13.36 -13.18 -13.41
N TRP A 286 -12.44 -12.29 -13.05
CA TRP A 286 -11.55 -11.67 -14.07
C TRP A 286 -10.13 -12.20 -14.12
N TYR A 287 -9.65 -12.82 -13.02
CA TYR A 287 -8.35 -13.51 -12.99
C TYR A 287 -8.52 -15.03 -13.07
N LYS B 4 1.78 -30.42 14.59
CA LYS B 4 1.74 -29.07 15.28
C LYS B 4 3.06 -28.27 15.35
N LEU B 5 3.07 -27.20 14.57
N LEU B 5 3.08 -27.19 14.58
CA LEU B 5 4.23 -26.35 14.48
CA LEU B 5 4.27 -26.36 14.52
C LEU B 5 4.33 -25.56 15.77
C LEU B 5 4.43 -25.47 15.74
N HIS B 6 5.54 -25.11 16.10
N HIS B 6 5.67 -25.19 16.08
CA HIS B 6 5.82 -24.32 17.30
CA HIS B 6 5.95 -24.24 17.15
C HIS B 6 6.67 -23.11 16.91
C HIS B 6 6.63 -23.02 16.54
N LEU B 7 6.03 -21.94 16.83
N LEU B 7 6.12 -21.85 16.88
CA LEU B 7 6.72 -20.72 16.41
CA LEU B 7 6.73 -20.64 16.37
C LEU B 7 7.14 -19.85 17.61
C LEU B 7 7.00 -19.61 17.45
N ARG B 8 8.24 -19.13 17.45
CA ARG B 8 8.56 -18.01 18.35
C ARG B 8 8.27 -16.71 17.60
N VAL B 9 7.35 -15.95 18.17
CA VAL B 9 6.89 -14.73 17.57
C VAL B 9 7.42 -13.51 18.29
N VAL B 10 7.95 -12.54 17.52
CA VAL B 10 8.44 -11.28 18.10
C VAL B 10 7.42 -10.19 17.83
N THR B 11 7.21 -9.34 18.84
CA THR B 11 6.30 -8.22 18.70
C THR B 11 6.93 -6.94 19.21
N LEU B 12 6.15 -5.86 19.11
CA LEU B 12 6.61 -4.53 19.50
C LEU B 12 5.35 -3.82 20.03
N ILE B 13 5.47 -3.17 21.18
CA ILE B 13 4.31 -2.57 21.79
C ILE B 13 3.98 -1.24 21.10
N GLU B 14 2.78 -1.18 20.53
CA GLU B 14 2.38 0.00 19.73
C GLU B 14 0.87 0.02 19.73
N HIS B 15 0.28 1.01 20.39
CA HIS B 15 -1.17 1.05 20.55
C HIS B 15 -1.86 1.49 19.26
N PRO B 16 -3.02 0.88 18.93
CA PRO B 16 -3.79 -0.15 19.63
C PRO B 16 -3.56 -1.54 19.12
N PHE B 17 -2.42 -1.72 18.42
CA PHE B 17 -2.07 -3.03 17.85
C PHE B 17 -1.55 -4.02 18.86
N VAL B 18 -0.68 -3.56 19.76
CA VAL B 18 -0.20 -4.38 20.86
C VAL B 18 0.01 -3.51 22.07
N PHE B 19 -0.64 -3.93 23.16
CA PHE B 19 -0.51 -3.32 24.50
C PHE B 19 0.10 -4.37 25.44
N THR B 20 0.67 -3.94 26.57
CA THR B 20 1.00 -4.87 27.67
C THR B 20 0.37 -4.42 28.96
N ARG B 21 0.08 -5.41 29.78
CA ARG B 21 -0.28 -5.15 31.19
C ARG B 21 0.52 -6.11 32.02
N GLU B 22 0.57 -5.90 33.34
CA GLU B 22 1.35 -6.78 34.19
C GLU B 22 0.66 -8.11 34.32
N VAL B 23 1.45 -9.14 34.61
CA VAL B 23 0.84 -10.41 34.93
C VAL B 23 0.20 -10.26 36.31
N ASP B 24 -0.84 -11.03 36.58
CA ASP B 24 -1.46 -10.98 37.90
C ASP B 24 -0.53 -11.55 39.01
N ASP B 25 -0.98 -11.51 40.25
CA ASP B 25 -0.14 -11.98 41.36
C ASP B 25 0.04 -13.50 41.43
N GLU B 26 -0.40 -14.20 40.38
CA GLU B 26 -0.26 -15.66 40.27
C GLU B 26 0.57 -16.01 39.03
N GLY B 27 0.78 -15.01 38.17
CA GLY B 27 1.53 -15.20 36.93
C GLY B 27 0.64 -15.51 35.74
N LEU B 28 -0.64 -15.17 35.82
CA LEU B 28 -1.60 -15.48 34.76
C LEU B 28 -2.07 -14.26 33.93
N CYS B 29 -2.59 -14.54 32.72
CA CYS B 29 -3.09 -13.52 31.78
C CYS B 29 -4.55 -13.66 31.31
N PRO B 30 -5.53 -13.36 32.19
CA PRO B 30 -6.85 -13.43 31.58
C PRO B 30 -7.01 -12.31 30.51
N ALA B 31 -7.67 -12.65 29.40
CA ALA B 31 -7.89 -11.68 28.32
C ALA B 31 -6.60 -11.18 27.66
N GLY B 32 -5.53 -11.96 27.76
CA GLY B 32 -4.30 -11.60 27.06
C GLY B 32 -3.42 -12.81 26.86
N GLN B 33 -2.29 -12.59 26.20
N GLN B 33 -2.28 -12.58 26.25
CA GLN B 33 -1.34 -13.67 25.93
CA GLN B 33 -1.36 -13.66 25.97
C GLN B 33 -0.09 -13.45 26.75
C GLN B 33 -0.10 -13.45 26.75
N LEU B 34 0.34 -14.46 27.48
CA LEU B 34 1.55 -14.33 28.25
C LEU B 34 2.69 -14.12 27.26
N CYS B 35 3.55 -13.19 27.59
CA CYS B 35 4.67 -12.87 26.73
C CYS B 35 5.86 -12.53 27.61
N LEU B 36 7.05 -12.59 27.01
CA LEU B 36 8.23 -12.17 27.75
C LEU B 36 8.77 -10.86 27.21
N ASP B 37 9.33 -10.06 28.12
CA ASP B 37 9.98 -8.77 27.77
C ASP B 37 11.40 -8.87 28.32
N PRO B 38 12.23 -9.74 27.71
CA PRO B 38 13.52 -10.06 28.29
C PRO B 38 14.74 -9.24 27.88
N MET B 39 14.55 -8.27 26.99
N MET B 39 14.59 -8.28 26.98
CA MET B 39 15.62 -7.39 26.50
CA MET B 39 15.72 -7.45 26.61
C MET B 39 16.84 -8.18 26.02
C MET B 39 16.86 -8.32 26.12
N THR B 40 16.62 -9.05 25.04
CA THR B 40 17.69 -9.82 24.44
C THR B 40 17.40 -10.04 22.97
N ASN B 41 18.47 -10.09 22.19
CA ASN B 41 18.34 -10.56 20.81
C ASN B 41 19.07 -11.88 20.62
N ASP B 42 19.39 -12.57 21.72
CA ASP B 42 20.08 -13.85 21.68
C ASP B 42 19.10 -15.01 21.64
N SER B 43 19.14 -15.77 20.56
CA SER B 43 18.21 -16.87 20.41
C SER B 43 18.38 -17.92 21.49
N SER B 44 19.61 -18.20 21.88
CA SER B 44 19.80 -19.17 22.93
C SER B 44 19.20 -18.76 24.27
N MET B 45 19.27 -17.48 24.61
N MET B 45 19.26 -17.49 24.61
CA MET B 45 18.68 -16.95 25.84
CA MET B 45 18.68 -17.05 25.86
C MET B 45 17.18 -17.15 25.82
C MET B 45 17.17 -17.16 25.82
N LEU B 46 16.56 -16.83 24.68
CA LEU B 46 15.10 -16.98 24.54
C LEU B 46 14.75 -18.44 24.62
N ASP B 47 15.56 -19.29 23.98
CA ASP B 47 15.28 -20.74 24.09
C ASP B 47 15.23 -21.13 25.55
N ARG B 48 16.22 -20.69 26.32
CA ARG B 48 16.32 -21.07 27.72
C ARG B 48 15.16 -20.52 28.55
N LEU B 49 14.83 -19.25 28.36
CA LEU B 49 13.75 -18.66 29.13
C LEU B 49 12.41 -19.29 28.80
N PHE B 50 12.14 -19.57 27.54
CA PHE B 50 10.85 -20.19 27.23
C PHE B 50 10.79 -21.63 27.75
N SER B 51 11.92 -22.34 27.66
N SER B 51 11.90 -22.35 27.68
CA SER B 51 12.03 -23.70 28.19
CA SER B 51 11.95 -23.74 28.18
C SER B 51 11.54 -23.64 29.62
C SER B 51 11.76 -23.79 29.69
N SER B 52 12.14 -22.73 30.39
CA SER B 52 11.90 -22.66 31.82
C SER B 52 10.44 -22.25 32.09
N LEU B 53 9.94 -21.33 31.28
CA LEU B 53 8.58 -20.85 31.42
C LEU B 53 7.59 -22.01 31.32
N HIS B 54 7.87 -22.95 30.42
CA HIS B 54 7.01 -24.11 30.20
C HIS B 54 7.42 -25.35 30.99
N SER B 55 8.15 -25.19 32.08
CA SER B 55 8.57 -26.35 32.85
C SER B 55 7.79 -26.45 34.15
N SER B 56 8.02 -27.53 34.89
CA SER B 56 7.36 -27.71 36.15
C SER B 56 8.13 -26.95 37.23
N ASN B 57 9.11 -26.17 36.81
CA ASN B 57 9.95 -25.40 37.72
C ASN B 57 10.31 -24.09 37.05
N ASP B 58 9.30 -23.26 36.81
CA ASP B 58 9.45 -21.97 36.14
C ASP B 58 10.29 -21.01 36.98
N THR B 59 11.45 -20.59 36.48
CA THR B 59 12.31 -19.67 37.22
C THR B 59 12.65 -18.41 36.45
N VAL B 60 11.83 -18.10 35.46
CA VAL B 60 12.06 -16.90 34.66
C VAL B 60 11.90 -15.67 35.56
N PRO B 61 12.85 -14.72 35.49
CA PRO B 61 12.68 -13.50 36.29
C PRO B 61 11.30 -12.90 36.06
N ILE B 62 10.59 -12.65 37.14
CA ILE B 62 9.20 -12.23 37.05
C ILE B 62 8.98 -10.91 36.36
N LYS B 63 9.98 -10.03 36.42
CA LYS B 63 9.88 -8.73 35.76
C LYS B 63 9.81 -8.89 34.25
N PHE B 64 10.10 -10.09 33.74
CA PHE B 64 10.02 -10.31 32.29
C PHE B 64 8.63 -10.69 31.83
N LYS B 65 7.80 -11.17 32.74
CA LYS B 65 6.50 -11.66 32.34
C LYS B 65 5.49 -10.53 32.20
N LYS B 66 4.85 -10.49 31.04
CA LYS B 66 3.83 -9.48 30.73
C LYS B 66 2.64 -10.19 30.07
N CYS B 67 1.51 -9.51 29.99
CA CYS B 67 0.35 -9.99 29.22
C CYS B 67 0.21 -9.06 28.04
N CYS B 68 0.19 -9.61 26.84
CA CYS B 68 0.07 -8.78 25.65
C CYS B 68 -1.36 -8.88 25.15
N TYR B 69 -1.89 -7.79 24.61
CA TYR B 69 -3.26 -7.84 24.10
C TYR B 69 -3.38 -6.77 23.02
N GLY B 70 -4.41 -6.86 22.19
CA GLY B 70 -4.63 -5.85 21.15
C GLY B 70 -4.98 -6.43 19.80
N TYR B 71 -5.16 -5.56 18.83
CA TYR B 71 -5.55 -5.95 17.48
C TYR B 71 -4.67 -7.06 16.95
N CYS B 72 -3.34 -6.90 17.06
CA CYS B 72 -2.46 -7.92 16.47
C CYS B 72 -2.41 -9.20 17.27
N ILE B 73 -2.75 -9.12 18.55
CA ILE B 73 -2.79 -10.34 19.38
C ILE B 73 -4.04 -11.15 19.03
N ASP B 74 -5.17 -10.49 18.82
CA ASP B 74 -6.39 -11.15 18.39
C ASP B 74 -6.12 -11.81 17.02
N LEU B 75 -5.40 -11.14 16.13
CA LEU B 75 -5.13 -11.71 14.82
C LEU B 75 -4.21 -12.92 14.97
N LEU B 76 -3.15 -12.77 15.75
CA LEU B 76 -2.22 -13.91 15.99
C LEU B 76 -2.93 -15.13 16.59
N GLU B 77 -3.78 -14.94 17.59
N GLU B 77 -3.80 -14.93 17.57
CA GLU B 77 -4.49 -16.06 18.17
CA GLU B 77 -4.49 -16.07 18.18
C GLU B 77 -5.30 -16.79 17.10
C GLU B 77 -5.40 -16.78 17.19
N GLN B 78 -5.98 -16.03 16.26
CA GLN B 78 -6.83 -16.66 15.27
C GLN B 78 -6.00 -17.40 14.24
N LEU B 79 -4.86 -16.84 13.84
CA LEU B 79 -3.99 -17.53 12.88
C LEU B 79 -3.46 -18.81 13.49
N ALA B 80 -3.15 -18.78 14.78
CA ALA B 80 -2.60 -19.93 15.44
C ALA B 80 -3.61 -21.07 15.46
N GLU B 81 -4.87 -20.71 15.65
CA GLU B 81 -5.95 -21.72 15.67
C GLU B 81 -6.13 -22.29 14.26
N ASP B 82 -6.19 -21.41 13.25
CA ASP B 82 -6.43 -21.87 11.88
C ASP B 82 -5.27 -22.60 11.22
N MET B 83 -4.05 -22.27 11.61
N MET B 83 -4.05 -22.21 11.57
CA MET B 83 -2.86 -22.94 11.05
CA MET B 83 -2.80 -22.84 11.05
C MET B 83 -2.28 -23.95 12.00
C MET B 83 -2.40 -24.05 11.91
N ASN B 84 -3.00 -24.18 13.09
CA ASN B 84 -2.63 -25.21 14.03
C ASN B 84 -1.15 -25.08 14.49
N PHE B 85 -0.78 -23.92 14.99
CA PHE B 85 0.55 -23.81 15.59
C PHE B 85 0.41 -23.31 17.02
N ASP B 86 1.41 -23.66 17.83
N ASP B 86 1.37 -23.62 17.86
CA ASP B 86 1.62 -23.11 19.17
CA ASP B 86 1.39 -22.91 19.12
C ASP B 86 2.61 -21.95 19.00
C ASP B 86 2.60 -22.01 19.06
N PHE B 87 2.64 -21.03 19.95
CA PHE B 87 3.68 -20.00 19.86
C PHE B 87 4.19 -19.51 21.21
N ASP B 88 5.41 -19.01 21.19
CA ASP B 88 6.00 -18.27 22.32
C ASP B 88 6.04 -16.85 21.81
N LEU B 89 5.75 -15.88 22.67
CA LEU B 89 5.70 -14.50 22.21
C LEU B 89 6.66 -13.66 23.05
N TYR B 90 7.50 -12.82 22.42
CA TYR B 90 8.40 -11.94 23.20
C TYR B 90 8.44 -10.59 22.52
N ILE B 91 8.86 -9.61 23.29
CA ILE B 91 8.93 -8.22 22.85
C ILE B 91 10.36 -7.93 22.41
N VAL B 92 10.49 -7.36 21.20
CA VAL B 92 11.77 -7.08 20.61
C VAL B 92 12.66 -6.27 21.58
N GLY B 93 13.90 -6.72 21.76
CA GLY B 93 14.77 -6.14 22.78
C GLY B 93 15.09 -4.67 22.64
N ASP B 94 15.34 -4.24 21.40
CA ASP B 94 15.73 -2.85 21.15
C ASP B 94 14.54 -1.90 20.96
N GLY B 95 13.32 -2.44 21.00
CA GLY B 95 12.12 -1.61 20.85
C GLY B 95 11.90 -1.05 19.45
N LYS B 96 12.65 -1.52 18.46
CA LYS B 96 12.59 -0.92 17.10
C LYS B 96 12.00 -1.81 16.07
N TYR B 97 11.37 -1.20 15.07
CA TYR B 97 10.84 -1.97 13.94
C TYR B 97 11.95 -2.54 13.11
N GLY B 98 12.91 -1.68 12.76
CA GLY B 98 14.12 -2.15 12.12
C GLY B 98 14.62 -1.28 10.99
N ALA B 99 15.92 -1.06 10.99
CA ALA B 99 16.60 -0.25 9.97
C ALA B 99 17.96 -0.87 9.70
N TRP B 100 18.57 -0.47 8.59
CA TRP B 100 19.93 -0.90 8.30
C TRP B 100 20.84 0.12 8.96
N LYS B 101 21.57 -0.34 9.95
CA LYS B 101 22.43 0.53 10.75
C LYS B 101 23.67 -0.24 11.10
N ASN B 102 24.81 0.38 10.83
CA ASN B 102 26.10 -0.19 11.15
C ASN B 102 26.31 -1.59 10.59
N GLY B 103 25.93 -1.79 9.32
CA GLY B 103 26.17 -3.06 8.63
C GLY B 103 25.24 -4.23 8.91
N HIS B 104 24.11 -3.97 9.57
CA HIS B 104 23.14 -5.05 9.83
C HIS B 104 21.74 -4.47 10.04
N TRP B 105 20.74 -5.34 10.02
CA TRP B 105 19.39 -4.91 10.30
C TRP B 105 19.11 -4.99 11.77
N THR B 106 18.46 -3.94 12.28
CA THR B 106 18.07 -3.90 13.69
C THR B 106 16.61 -4.37 13.89
N GLY B 107 16.15 -4.34 15.14
CA GLY B 107 14.74 -4.55 15.42
C GLY B 107 14.14 -5.86 14.97
N LEU B 108 12.85 -5.81 14.61
CA LEU B 108 12.13 -7.01 14.19
C LEU B 108 12.82 -7.61 12.99
N VAL B 109 13.21 -6.77 12.04
CA VAL B 109 13.87 -7.30 10.83
C VAL B 109 15.11 -8.12 11.18
N GLY B 110 15.93 -7.59 12.09
CA GLY B 110 17.17 -8.28 12.50
C GLY B 110 16.85 -9.60 13.16
N ASP B 111 15.81 -9.65 14.01
CA ASP B 111 15.49 -10.92 14.67
C ASP B 111 14.96 -11.97 13.69
N LEU B 112 14.26 -11.56 12.66
CA LEU B 112 13.86 -12.52 11.63
C LEU B 112 15.09 -13.02 10.87
N LEU B 113 16.02 -12.13 10.52
CA LEU B 113 17.17 -12.58 9.72
C LEU B 113 18.15 -13.43 10.49
N SER B 114 18.26 -13.24 11.81
CA SER B 114 19.18 -14.00 12.62
C SER B 114 18.56 -15.32 13.08
N GLY B 115 17.28 -15.52 12.83
CA GLY B 115 16.61 -16.73 13.38
C GLY B 115 16.16 -16.62 14.82
N THR B 116 16.34 -15.46 15.43
CA THR B 116 15.91 -15.29 16.80
C THR B 116 14.39 -15.36 16.93
N ALA B 117 13.67 -14.88 15.91
CA ALA B 117 12.20 -15.02 15.83
C ALA B 117 11.86 -15.76 14.54
N ASN B 118 10.74 -16.53 14.56
CA ASN B 118 10.23 -17.17 13.37
C ASN B 118 9.23 -16.29 12.61
N MET B 119 8.64 -15.32 13.30
CA MET B 119 7.58 -14.49 12.72
C MET B 119 7.48 -13.23 13.53
N ALA B 120 7.16 -12.10 12.87
CA ALA B 120 7.02 -10.81 13.57
C ALA B 120 5.56 -10.35 13.39
N VAL B 121 4.85 -10.04 14.47
CA VAL B 121 3.45 -9.62 14.44
C VAL B 121 3.29 -8.34 15.25
N THR B 122 2.98 -7.24 14.57
CA THR B 122 2.71 -5.94 15.16
C THR B 122 2.35 -5.01 13.99
N SER B 123 2.34 -3.72 14.26
CA SER B 123 2.08 -2.72 13.23
C SER B 123 3.30 -2.52 12.38
N PHE B 124 3.62 -3.52 11.57
CA PHE B 124 4.93 -3.62 10.86
C PHE B 124 4.78 -3.27 9.39
N SER B 125 5.40 -2.17 8.93
CA SER B 125 5.16 -1.69 7.57
C SER B 125 5.96 -2.50 6.56
N ILE B 126 5.25 -2.83 5.48
CA ILE B 126 5.85 -3.43 4.31
C ILE B 126 6.47 -2.28 3.51
N ASN B 127 7.79 -2.28 3.32
CA ASN B 127 8.39 -1.26 2.48
C ASN B 127 9.38 -1.96 1.54
N THR B 128 9.90 -1.21 0.58
CA THR B 128 10.75 -1.83 -0.44
C THR B 128 12.05 -2.36 0.13
N ALA B 129 12.69 -1.57 0.99
CA ALA B 129 13.96 -2.05 1.52
C ALA B 129 13.81 -3.36 2.30
N ARG B 130 12.81 -3.44 3.18
CA ARG B 130 12.64 -4.67 3.97
C ARG B 130 12.22 -5.83 3.07
N SER B 131 11.44 -5.52 2.04
CA SER B 131 10.97 -6.56 1.11
C SER B 131 12.12 -7.20 0.37
N GLN B 132 13.33 -6.59 0.36
CA GLN B 132 14.42 -7.26 -0.34
C GLN B 132 15.06 -8.33 0.53
N VAL B 133 14.75 -8.33 1.84
CA VAL B 133 15.43 -9.24 2.77
C VAL B 133 14.56 -10.15 3.61
N ILE B 134 13.29 -9.78 3.83
CA ILE B 134 12.38 -10.68 4.53
C ILE B 134 11.10 -10.81 3.75
N ASP B 135 10.30 -11.84 4.07
CA ASP B 135 9.00 -12.01 3.46
C ASP B 135 7.98 -11.19 4.27
N PHE B 136 6.98 -10.66 3.56
CA PHE B 136 5.79 -10.12 4.23
C PHE B 136 4.60 -10.85 3.66
N THR B 137 3.63 -11.08 4.55
CA THR B 137 2.34 -11.55 4.07
C THR B 137 1.58 -10.44 3.34
N SER B 138 0.46 -10.79 2.71
N SER B 138 0.43 -10.82 2.79
CA SER B 138 -0.41 -9.73 2.21
CA SER B 138 -0.51 -9.81 2.34
C SER B 138 -0.81 -8.89 3.42
C SER B 138 -0.79 -8.86 3.50
N PRO B 139 -1.08 -7.60 3.18
CA PRO B 139 -1.32 -6.69 4.28
C PRO B 139 -2.64 -6.92 5.01
N PHE B 140 -2.65 -6.66 6.32
CA PHE B 140 -3.92 -6.72 7.06
C PHE B 140 -4.45 -5.33 7.39
N PHE B 141 -3.70 -4.28 7.05
CA PHE B 141 -4.08 -2.90 7.38
C PHE B 141 -3.28 -2.01 6.42
N SER B 142 -3.72 -0.78 6.22
CA SER B 142 -2.95 0.16 5.38
C SER B 142 -3.02 1.54 6.00
N THR B 143 -1.90 2.27 5.90
CA THR B 143 -1.86 3.60 6.49
C THR B 143 -0.93 4.56 5.75
N SER B 144 -1.35 5.81 5.65
CA SER B 144 -0.44 6.88 5.22
C SER B 144 0.53 7.16 6.36
N LEU B 145 1.62 7.83 6.07
CA LEU B 145 2.31 8.54 7.15
C LEU B 145 1.48 9.77 7.54
N GLY B 146 1.70 10.28 8.75
CA GLY B 146 0.91 11.41 9.20
C GLY B 146 1.79 12.39 9.94
N ILE B 147 1.19 13.54 10.26
CA ILE B 147 1.89 14.63 10.92
C ILE B 147 1.00 15.11 12.04
N LEU B 148 1.44 14.97 13.28
CA LEU B 148 0.67 15.36 14.46
C LEU B 148 1.17 16.73 14.89
N VAL B 149 0.21 17.63 15.11
CA VAL B 149 0.51 18.99 15.61
C VAL B 149 -0.52 19.35 16.67
N ARG B 150 -0.30 20.45 17.35
CA ARG B 150 -1.32 20.91 18.30
C ARG B 150 -2.39 21.69 17.60
N THR B 151 -3.60 21.66 18.15
CA THR B 151 -4.61 22.60 17.67
C THR B 151 -4.10 24.03 17.92
N ARG B 152 -4.38 24.93 16.97
CA ARG B 152 -3.93 26.34 17.06
C ARG B 152 -2.43 26.41 17.15
N GLY B 153 -1.81 25.38 16.57
CA GLY B 153 -0.34 25.28 16.55
C GLY B 153 0.27 25.47 15.16
N THR B 154 1.31 24.70 14.86
CA THR B 154 1.95 24.79 13.55
C THR B 154 1.04 24.21 12.46
N GLU B 155 0.90 24.93 11.35
CA GLU B 155 0.10 24.45 10.24
C GLU B 155 1.04 23.92 9.18
N LEU B 156 0.68 22.79 8.57
CA LEU B 156 1.54 22.17 7.56
C LEU B 156 0.69 21.61 6.43
N SER B 157 1.14 21.80 5.19
CA SER B 157 0.39 21.29 4.04
C SER B 157 0.55 19.79 3.82
N GLY B 158 1.57 19.20 4.45
CA GLY B 158 1.98 17.84 4.11
C GLY B 158 3.51 17.81 4.11
N ILE B 159 4.07 16.70 3.62
CA ILE B 159 5.51 16.50 3.76
C ILE B 159 6.36 17.44 2.89
N HIS B 160 5.71 18.14 1.96
CA HIS B 160 6.38 19.12 1.11
C HIS B 160 6.29 20.55 1.64
N ASP B 161 5.71 20.74 2.81
CA ASP B 161 5.59 22.10 3.33
C ASP B 161 6.98 22.72 3.46
N PRO B 162 7.19 23.94 2.92
CA PRO B 162 8.54 24.54 3.02
C PRO B 162 9.06 24.68 4.44
N LYS B 163 8.19 24.74 5.44
CA LYS B 163 8.64 24.81 6.86
C LYS B 163 9.49 23.62 7.21
N LEU B 164 9.20 22.48 6.60
CA LEU B 164 9.94 21.26 6.93
C LEU B 164 11.23 21.14 6.13
N HIS B 165 11.46 22.06 5.21
CA HIS B 165 12.62 21.92 4.31
C HIS B 165 13.61 23.06 4.40
N HIS B 166 13.37 23.97 5.34
N HIS B 166 13.38 23.95 5.36
CA HIS B 166 14.28 25.09 5.56
CA HIS B 166 14.26 25.09 5.55
C HIS B 166 14.76 25.12 6.99
C HIS B 166 14.77 25.15 6.99
N PRO B 167 15.96 24.59 7.25
CA PRO B 167 16.54 24.60 8.59
C PRO B 167 16.56 25.98 9.26
N SER B 168 16.72 27.06 8.48
CA SER B 168 16.70 28.39 9.07
C SER B 168 15.42 28.69 9.87
N GLN B 169 14.32 28.00 9.55
CA GLN B 169 13.06 28.26 10.25
C GLN B 169 12.99 27.56 11.63
N GLY B 170 13.89 26.61 11.87
CA GLY B 170 14.07 26.04 13.18
C GLY B 170 12.90 25.23 13.68
N PHE B 171 12.02 24.73 12.79
CA PHE B 171 10.91 23.93 13.36
C PHE B 171 11.43 22.68 14.03
N ARG B 172 10.82 22.28 15.15
CA ARG B 172 11.28 21.09 15.91
C ARG B 172 10.35 19.96 15.50
N PHE B 173 10.85 19.05 14.67
CA PHE B 173 9.98 17.94 14.22
C PHE B 173 10.87 16.73 14.06
N GLY B 174 10.30 15.59 14.40
CA GLY B 174 11.06 14.32 14.30
C GLY B 174 10.08 13.18 14.08
N THR B 175 10.69 11.99 14.00
CA THR B 175 9.97 10.73 13.83
C THR B 175 10.53 9.72 14.82
N VAL B 176 10.06 8.47 14.68
CA VAL B 176 10.56 7.39 15.49
C VAL B 176 11.82 6.81 14.86
N ARG B 177 12.88 6.67 15.67
CA ARG B 177 14.13 6.09 15.17
C ARG B 177 13.91 4.68 14.65
N GLU B 178 14.54 4.37 13.52
CA GLU B 178 14.56 3.01 12.95
C GLU B 178 13.20 2.50 12.61
N SER B 179 12.33 3.42 12.20
CA SER B 179 10.98 3.09 11.73
C SER B 179 10.93 3.23 10.20
N SER B 180 9.85 2.76 9.63
N SER B 180 9.91 2.71 9.58
CA SER B 180 9.65 2.88 8.18
CA SER B 180 9.81 2.90 8.14
C SER B 180 9.43 4.36 7.81
C SER B 180 9.64 4.40 7.86
N ALA B 181 8.93 5.13 8.75
CA ALA B 181 8.79 6.60 8.53
C ALA B 181 10.15 7.25 8.39
N GLU B 182 11.10 6.86 9.26
CA GLU B 182 12.45 7.40 9.13
C GLU B 182 13.07 6.97 7.78
N ASP B 183 12.88 5.72 7.38
CA ASP B 183 13.43 5.23 6.10
C ASP B 183 12.86 6.06 4.93
N TYR B 184 11.58 6.38 4.97
CA TYR B 184 11.01 7.16 3.88
C TYR B 184 11.70 8.51 3.77
N VAL B 185 11.86 9.18 4.92
CA VAL B 185 12.52 10.49 4.88
C VAL B 185 13.98 10.37 4.44
N ARG B 186 14.70 9.36 4.93
CA ARG B 186 16.10 9.15 4.53
C ARG B 186 16.25 9.02 3.02
N GLN B 187 15.31 8.31 2.41
CA GLN B 187 15.40 8.06 0.97
C GLN B 187 14.92 9.23 0.11
N SER B 188 13.81 9.86 0.52
CA SER B 188 13.23 10.90 -0.29
C SER B 188 13.76 12.30 0.00
N PHE B 189 14.21 12.56 1.24
CA PHE B 189 14.64 13.89 1.63
C PHE B 189 15.87 13.81 2.52
N PRO B 190 16.99 13.44 1.95
CA PRO B 190 18.19 13.26 2.76
C PRO B 190 18.54 14.45 3.65
N GLU B 191 18.38 15.67 3.19
CA GLU B 191 18.77 16.78 4.05
CA GLU B 191 18.72 16.84 4.00
C GLU B 191 17.78 16.96 5.21
N MET B 192 16.52 16.68 4.98
N MET B 192 16.50 16.69 4.96
CA MET B 192 15.59 16.79 6.10
CA MET B 192 15.47 16.70 6.01
C MET B 192 15.75 15.63 7.09
C MET B 192 15.83 15.66 7.07
N HIS B 193 16.18 14.47 6.60
CA HIS B 193 16.53 13.37 7.48
C HIS B 193 17.68 13.78 8.42
N GLU B 194 18.71 14.41 7.87
N GLU B 194 18.72 14.43 7.90
CA GLU B 194 19.84 14.89 8.68
CA GLU B 194 19.84 14.87 8.75
C GLU B 194 19.32 15.86 9.76
C GLU B 194 19.38 15.93 9.78
N TYR B 195 18.50 16.82 9.33
CA TYR B 195 17.94 17.85 10.22
C TYR B 195 17.12 17.25 11.38
N MET B 196 16.37 16.18 11.08
CA MET B 196 15.50 15.56 12.08
C MET B 196 16.23 14.74 13.11
N ARG B 197 17.51 14.42 12.92
CA ARG B 197 18.20 13.55 13.86
C ARG B 197 18.13 14.04 15.29
N ARG B 198 18.27 15.35 15.50
CA ARG B 198 18.25 15.85 16.87
C ARG B 198 16.88 15.73 17.52
N TYR B 199 15.84 15.56 16.69
CA TYR B 199 14.47 15.55 17.23
C TYR B 199 13.81 14.19 17.23
N ASN B 200 14.43 13.17 16.65
CA ASN B 200 13.78 11.86 16.63
C ASN B 200 13.72 11.27 18.04
N VAL B 201 12.82 10.31 18.20
CA VAL B 201 12.53 9.70 19.48
C VAL B 201 12.57 8.19 19.39
N PRO B 202 12.72 7.50 20.53
CA PRO B 202 12.80 6.02 20.49
C PRO B 202 11.52 5.31 20.13
N ALA B 203 10.39 5.91 20.45
CA ALA B 203 9.09 5.24 20.32
C ALA B 203 7.96 6.24 20.24
N THR B 204 6.82 5.81 19.70
CA THR B 204 5.71 6.73 19.43
C THR B 204 5.27 7.51 20.64
N PRO B 205 5.11 6.86 21.80
CA PRO B 205 4.61 7.66 22.95
C PRO B 205 5.52 8.84 23.32
N ASP B 206 6.81 8.69 23.12
CA ASP B 206 7.76 9.80 23.39
C ASP B 206 7.47 11.01 22.49
N GLY B 207 7.24 10.75 21.21
CA GLY B 207 6.93 11.86 20.30
C GLY B 207 5.60 12.50 20.65
N VAL B 208 4.60 11.69 21.01
CA VAL B 208 3.30 12.23 21.33
C VAL B 208 3.47 13.11 22.59
N GLN B 209 4.20 12.63 23.61
N GLN B 209 4.21 12.65 23.60
CA GLN B 209 4.41 13.41 24.84
CA GLN B 209 4.39 13.43 24.84
C GLN B 209 5.05 14.76 24.50
C GLN B 209 5.13 14.75 24.61
N TYR B 210 6.14 14.73 23.74
CA TYR B 210 6.89 15.98 23.42
C TYR B 210 6.06 16.98 22.64
N LEU B 211 5.09 16.47 21.90
N LEU B 211 5.05 16.50 21.96
CA LEU B 211 4.18 17.29 21.10
CA LEU B 211 4.19 17.42 21.24
C LEU B 211 2.97 17.81 21.90
C LEU B 211 3.07 17.90 22.14
N LYS B 212 2.36 16.91 22.70
CA LYS B 212 1.10 17.16 23.40
C LYS B 212 1.20 17.83 24.76
N ASN B 213 2.22 17.43 25.52
CA ASN B 213 2.34 17.90 26.90
C ASN B 213 3.26 19.10 27.02
N ASP B 214 3.07 19.81 28.11
N ASP B 214 3.03 19.89 28.06
CA ASP B 214 3.89 20.96 28.40
CA ASP B 214 3.88 21.05 28.35
C ASP B 214 5.06 20.50 29.25
C ASP B 214 5.01 20.62 29.29
N PRO B 215 6.24 21.12 29.04
CA PRO B 215 6.57 22.09 27.99
C PRO B 215 6.71 21.43 26.63
N GLU B 216 6.17 22.08 25.62
CA GLU B 216 6.23 21.52 24.28
C GLU B 216 7.64 21.46 23.75
N LYS B 217 8.05 20.29 23.30
CA LYS B 217 9.41 20.07 22.79
C LYS B 217 9.45 19.75 21.30
N LEU B 218 8.30 19.42 20.73
CA LEU B 218 8.20 19.28 19.27
C LEU B 218 7.06 20.17 18.80
N ASP B 219 7.27 20.77 17.65
CA ASP B 219 6.24 21.47 16.90
C ASP B 219 5.36 20.53 16.04
N ALA B 220 5.94 19.40 15.62
CA ALA B 220 5.23 18.41 14.83
C ALA B 220 5.94 17.11 15.01
N PHE B 221 5.16 16.03 14.86
CA PHE B 221 5.68 14.65 15.00
C PHE B 221 5.17 13.82 13.85
N ILE B 222 6.10 13.21 13.16
CA ILE B 222 5.79 12.43 11.94
C ILE B 222 5.83 10.93 12.26
N MET B 223 4.74 10.20 11.96
CA MET B 223 4.69 8.76 12.25
C MET B 223 3.46 8.19 11.53
N ASP B 224 3.33 6.89 11.47
CA ASP B 224 2.17 6.27 10.80
C ASP B 224 0.91 6.97 11.24
N LYS B 225 0.06 7.30 10.27
CA LYS B 225 -1.18 8.01 10.60
C LYS B 225 -2.13 7.15 11.39
N ALA B 226 -2.13 5.83 11.20
CA ALA B 226 -3.04 4.98 12.00
C ALA B 226 -2.73 5.11 13.46
N LEU B 227 -1.45 5.26 13.80
CA LEU B 227 -1.06 5.33 15.21
C LEU B 227 -1.36 6.73 15.76
N LEU B 228 -1.10 7.76 14.97
CA LEU B 228 -1.42 9.12 15.41
C LEU B 228 -2.92 9.30 15.54
N ASP B 229 -3.70 8.72 14.64
CA ASP B 229 -5.19 8.82 14.73
C ASP B 229 -5.69 8.19 16.03
N TYR B 230 -5.04 7.10 16.45
CA TYR B 230 -5.44 6.50 17.72
C TYR B 230 -5.22 7.48 18.86
N GLU B 231 -4.05 8.14 18.88
CA GLU B 231 -3.77 9.10 19.96
C GLU B 231 -4.73 10.27 19.91
N VAL B 232 -5.06 10.75 18.72
CA VAL B 232 -6.06 11.84 18.65
C VAL B 232 -7.43 11.38 19.21
N SER B 233 -7.81 10.14 18.90
CA SER B 233 -9.12 9.58 19.28
C SER B 233 -9.27 9.45 20.77
N ILE B 234 -8.17 9.34 21.50
CA ILE B 234 -8.26 9.18 22.95
C ILE B 234 -7.99 10.51 23.65
N ASP B 235 -7.76 11.56 22.86
CA ASP B 235 -7.58 12.90 23.44
C ASP B 235 -8.95 13.57 23.42
N ALA B 236 -9.66 13.53 24.54
CA ALA B 236 -10.99 14.12 24.56
C ALA B 236 -10.97 15.67 24.43
N ASP B 237 -9.89 16.29 24.92
CA ASP B 237 -9.77 17.75 24.97
C ASP B 237 -9.32 18.55 23.73
N CYS B 238 -9.61 18.07 22.52
CA CYS B 238 -9.19 18.78 21.28
C CYS B 238 -7.83 19.47 21.39
N LYS B 239 -6.79 18.74 21.80
CA LYS B 239 -5.47 19.33 21.90
C LYS B 239 -4.62 19.02 20.66
N LEU B 240 -5.04 18.01 19.89
CA LEU B 240 -4.19 17.44 18.81
C LEU B 240 -4.94 17.31 17.51
N LEU B 241 -4.18 17.44 16.41
CA LEU B 241 -4.70 17.26 15.04
C LEU B 241 -3.70 16.51 14.21
N THR B 242 -4.19 15.73 13.24
CA THR B 242 -3.30 15.27 12.17
C THR B 242 -3.54 16.23 11.00
N VAL B 243 -2.49 16.61 10.30
CA VAL B 243 -2.60 17.59 9.22
C VAL B 243 -1.90 17.16 7.96
N GLY B 244 -2.30 17.82 6.88
CA GLY B 244 -1.61 17.64 5.61
C GLY B 244 -2.14 16.53 4.70
N LYS B 245 -1.61 16.55 3.45
CA LYS B 245 -1.99 15.56 2.47
C LYS B 245 -1.35 14.20 2.82
N PRO B 246 -1.94 13.08 2.35
CA PRO B 246 -1.33 11.79 2.59
C PRO B 246 0.02 11.66 1.91
N PHE B 247 0.87 10.79 2.45
CA PHE B 247 2.14 10.49 1.78
C PHE B 247 2.64 9.16 2.28
N ALA B 248 3.38 8.48 1.44
CA ALA B 248 4.08 7.24 1.84
C ALA B 248 3.18 6.18 2.41
N ILE B 249 2.12 5.90 1.67
CA ILE B 249 1.15 4.88 2.14
C ILE B 249 1.77 3.50 2.07
N GLU B 250 1.62 2.74 3.15
CA GLU B 250 2.16 1.38 3.25
C GLU B 250 1.19 0.48 3.96
N GLY B 251 1.24 -0.80 3.62
CA GLY B 251 0.49 -1.80 4.38
C GLY B 251 1.28 -2.29 5.60
N TYR B 252 0.49 -2.81 6.54
CA TYR B 252 1.07 -3.58 7.61
C TYR B 252 0.96 -5.06 7.29
N GLY B 253 2.03 -5.80 7.48
CA GLY B 253 1.98 -7.26 7.19
C GLY B 253 2.72 -8.02 8.29
N ILE B 254 2.51 -9.32 8.28
CA ILE B 254 3.28 -10.18 9.18
C ILE B 254 4.61 -10.48 8.49
N GLY B 255 5.71 -10.39 9.23
CA GLY B 255 7.05 -10.61 8.72
C GLY B 255 7.52 -12.01 9.00
N LEU B 256 8.19 -12.61 8.02
CA LEU B 256 8.71 -13.97 8.12
C LEU B 256 10.07 -14.00 7.41
N PRO B 257 10.88 -15.02 7.64
CA PRO B 257 12.17 -15.08 6.95
C PRO B 257 11.93 -15.16 5.43
N PRO B 258 12.91 -14.76 4.62
CA PRO B 258 12.70 -14.85 3.17
C PRO B 258 12.36 -16.27 2.70
N ASN B 259 11.43 -16.33 1.75
N ASN B 259 11.54 -16.39 1.67
CA ASN B 259 11.03 -17.58 1.11
CA ASN B 259 11.10 -17.71 1.14
C ASN B 259 10.39 -18.61 2.07
C ASN B 259 10.57 -18.65 2.20
N SER B 260 9.85 -18.11 3.18
CA SER B 260 9.24 -18.98 4.17
C SER B 260 8.06 -19.73 3.56
N PRO B 261 7.93 -21.03 3.84
CA PRO B 261 6.72 -21.73 3.35
C PRO B 261 5.41 -21.30 4.05
N LEU B 262 5.52 -20.61 5.16
CA LEU B 262 4.33 -20.16 5.89
C LEU B 262 3.70 -18.95 5.27
N THR B 263 4.45 -18.17 4.50
CA THR B 263 3.90 -16.91 4.04
C THR B 263 2.61 -17.02 3.25
N SER B 264 2.58 -17.95 2.31
CA SER B 264 1.38 -18.03 1.45
C SER B 264 0.19 -18.48 2.24
N ASN B 265 0.37 -19.35 3.20
CA ASN B 265 -0.78 -19.84 3.99
C ASN B 265 -1.32 -18.75 4.90
N ILE B 266 -0.42 -17.97 5.50
CA ILE B 266 -0.90 -16.87 6.34
C ILE B 266 -1.55 -15.79 5.49
N SER B 267 -1.01 -15.55 4.31
CA SER B 267 -1.63 -14.57 3.43
C SER B 267 -3.02 -14.98 2.99
N GLU B 268 -3.19 -16.27 2.70
CA GLU B 268 -4.52 -16.73 2.28
C GLU B 268 -5.50 -16.55 3.43
N LEU B 269 -5.05 -16.81 4.66
CA LEU B 269 -5.97 -16.62 5.81
C LEU B 269 -6.26 -15.12 6.02
N ILE B 270 -5.25 -14.25 5.94
CA ILE B 270 -5.52 -12.81 6.05
C ILE B 270 -6.54 -12.37 5.01
N SER B 271 -6.41 -12.86 3.78
N SER B 271 -6.37 -12.87 3.78
CA SER B 271 -7.37 -12.49 2.73
CA SER B 271 -7.31 -12.58 2.71
C SER B 271 -8.79 -13.01 3.01
C SER B 271 -8.74 -12.97 3.08
N GLN B 272 -8.91 -14.19 3.58
CA GLN B 272 -10.23 -14.69 3.97
C GLN B 272 -10.82 -13.87 5.13
N TYR B 273 -9.98 -13.56 6.11
CA TYR B 273 -10.42 -12.77 7.25
C TYR B 273 -10.90 -11.43 6.76
N LYS B 274 -10.16 -10.82 5.85
CA LYS B 274 -10.56 -9.51 5.34
C LYS B 274 -11.91 -9.61 4.65
N SER B 275 -12.06 -10.61 3.79
N SER B 275 -12.08 -10.61 3.79
CA SER B 275 -13.27 -10.73 2.98
CA SER B 275 -13.30 -10.76 2.99
C SER B 275 -14.52 -11.25 3.71
C SER B 275 -14.55 -11.16 3.75
N HIS B 276 -14.36 -11.55 5.01
CA HIS B 276 -15.47 -11.95 5.86
C HIS B 276 -15.67 -11.03 7.05
N GLY B 277 -15.06 -9.86 6.99
CA GLY B 277 -15.32 -8.82 7.97
C GLY B 277 -14.52 -8.83 9.25
N PHE B 278 -13.58 -9.73 9.39
CA PHE B 278 -12.84 -9.79 10.64
C PHE B 278 -11.98 -8.56 10.89
N MET B 279 -11.38 -8.00 9.84
CA MET B 279 -10.61 -6.78 10.04
C MET B 279 -11.50 -5.62 10.44
N ASP B 280 -12.74 -5.58 9.96
CA ASP B 280 -13.68 -4.51 10.37
C ASP B 280 -13.95 -4.68 11.85
N VAL B 281 -14.15 -5.94 12.26
CA VAL B 281 -14.41 -6.24 13.65
C VAL B 281 -13.25 -5.83 14.56
N LEU B 282 -12.03 -6.18 14.14
CA LEU B 282 -10.87 -5.79 14.92
C LEU B 282 -10.68 -4.29 14.95
N HIS B 283 -10.87 -3.62 13.80
CA HIS B 283 -10.71 -2.17 13.82
C HIS B 283 -11.68 -1.54 14.80
N ASP B 284 -12.95 -1.94 14.74
CA ASP B 284 -13.94 -1.33 15.60
C ASP B 284 -13.71 -1.64 17.06
N LYS B 285 -13.23 -2.83 17.37
CA LYS B 285 -12.95 -3.19 18.73
C LYS B 285 -11.82 -2.40 19.33
N TRP B 286 -10.74 -2.31 18.58
CA TRP B 286 -9.53 -1.68 19.11
C TRP B 286 -9.34 -0.19 18.96
N TYR B 287 -10.06 0.39 18.01
CA TYR B 287 -10.17 1.87 17.94
C TYR B 287 -11.35 2.41 18.72
N LYS B 288 -12.16 1.54 19.31
CA LYS B 288 -13.36 1.95 20.07
C LYS B 288 -14.36 2.69 19.16
CL CL C . -6.44 -3.47 -1.13
CL CL D . -20.99 -6.15 -24.71
N DSN E . -1.13 1.57 -12.26
CA DSN E . -0.61 2.43 -13.38
C DSN E . -0.56 3.87 -12.96
O DSN E . 0.27 4.66 -13.45
OXT DSN E . -1.40 4.25 -12.12
CB DSN E . 0.74 1.92 -13.89
OG DSN E . 1.71 1.99 -12.85
N DSN F . 5.03 0.75 11.06
CA DSN F . 6.34 1.04 11.74
C DSN F . 7.48 0.35 11.07
O DSN F . 8.65 0.80 11.09
OXT DSN F . 7.23 -0.73 10.49
CB DSN F . 6.57 2.54 11.86
OG DSN F . 6.72 3.14 10.59
C1 GOL G . -20.23 -10.63 -10.27
O1 GOL G . -21.02 -11.78 -10.08
C2 GOL G . -20.98 -9.71 -11.21
O2 GOL G . -21.00 -10.31 -12.48
C3 GOL G . -20.22 -8.40 -11.31
O3 GOL G . -21.15 -7.42 -10.93
C1 GOL H . -9.95 20.14 -9.33
O1 GOL H . -9.42 20.54 -8.09
C2 GOL H . -11.19 20.96 -9.62
O2 GOL H . -12.11 20.86 -8.55
C3 GOL H . -11.84 20.45 -10.89
O3 GOL H . -12.06 21.55 -11.73
CL CL I . -5.00 -3.77 3.77
C1 GOL J . 16.51 -16.06 7.47
O1 GOL J . 16.88 -15.93 6.12
C2 GOL J . 17.12 -17.34 8.01
O2 GOL J . 16.46 -18.43 7.38
C3 GOL J . 16.80 -17.43 9.49
O3 GOL J . 17.90 -18.06 10.12
#